data_2Y4R
#
_entry.id   2Y4R
#
_cell.length_a   40.813
_cell.length_b   66.817
_cell.length_c   202.688
_cell.angle_alpha   90.00
_cell.angle_beta   90.00
_cell.angle_gamma   90.00
#
_symmetry.space_group_name_H-M   'P 21 21 21'
#
loop_
_entity.id
_entity.type
_entity.pdbx_description
1 polymer '4-AMINO-4-DEOXYCHORISMATE LYASE'
2 non-polymer "PYRIDOXAL-5'-PHOSPHATE"
3 non-polymer 'TETRAETHYLENE GLYCOL'
4 non-polymer 'CHLORIDE ION'
5 non-polymer 'SULFATE ION'
6 non-polymer 1,2-ETHANEDIOL
7 non-polymer DI(HYDROXYETHYL)ETHER
8 non-polymer GLYCEROL
9 water water
#
_entity_poly.entity_id   1
_entity_poly.type   'polypeptide(L)'
_entity_poly.pdbx_seq_one_letter_code
;MGSSHHHHHHSSGENLYFQGHMLDWVDGRPAAELSVRDRGLAYGDGLFETLAVRAGTPRLLERHLARLEEGCRRLAIPLD
TAALRQELLAFCAALGDGVAKLIVTRGEGLRGYAPPAEASPRRILSGSPRPAYPERHWQQGVRLFACRTRLAEQPLLAGL
KHLNRLEQVLARAEWSDAGHAEGLMLDVHERVVEGVFSNLLLVLDGTLVAPDLRRCGVAGVMRAELLERAEGIGVPLAIR
DVSMAELATADEVFLCNSQFGIWPVRALDEHVWPVGELTRKLQDQLRDDLDF
;
_entity_poly.pdbx_strand_id   A,B
#
loop_
_chem_comp.id
_chem_comp.type
_chem_comp.name
_chem_comp.formula
CL non-polymer 'CHLORIDE ION' 'Cl -1'
EDO non-polymer 1,2-ETHANEDIOL 'C2 H6 O2'
GOL non-polymer GLYCEROL 'C3 H8 O3'
PEG non-polymer DI(HYDROXYETHYL)ETHER 'C4 H10 O3'
PG4 non-polymer 'TETRAETHYLENE GLYCOL' 'C8 H18 O5'
PLP non-polymer PYRIDOXAL-5'-PHOSPHATE 'C8 H10 N O6 P'
SO4 non-polymer 'SULFATE ION' 'O4 S -2'
#
# COMPACT_ATOMS: atom_id res chain seq x y z
N LEU A 23 -10.30 15.37 19.29
CA LEU A 23 -11.30 15.70 18.22
CA LEU A 23 -11.30 15.69 18.20
C LEU A 23 -11.18 14.70 17.04
N ASP A 24 -12.31 14.13 16.61
CA ASP A 24 -12.37 13.17 15.47
C ASP A 24 -13.70 13.44 14.83
N TRP A 25 -13.68 13.75 13.54
CA TRP A 25 -14.85 13.88 12.74
C TRP A 25 -14.78 12.86 11.58
N VAL A 26 -15.95 12.34 11.18
CA VAL A 26 -16.09 11.62 9.90
C VAL A 26 -17.17 12.34 9.15
N ASP A 27 -16.85 12.78 7.93
CA ASP A 27 -17.77 13.48 7.05
C ASP A 27 -18.38 14.70 7.77
N GLY A 28 -17.50 15.45 8.45
CA GLY A 28 -17.84 16.74 9.03
C GLY A 28 -18.69 16.65 10.32
N ARG A 29 -18.83 15.45 10.86
CA ARG A 29 -19.66 15.17 12.07
CA ARG A 29 -19.59 15.26 12.11
C ARG A 29 -18.81 14.43 13.11
N PRO A 30 -18.95 14.78 14.41
CA PRO A 30 -18.13 14.05 15.39
C PRO A 30 -18.35 12.52 15.34
N ALA A 31 -17.27 11.74 15.24
CA ALA A 31 -17.37 10.29 15.01
C ALA A 31 -15.97 9.69 15.11
N ALA A 32 -15.85 8.61 15.86
CA ALA A 32 -14.49 8.07 16.18
C ALA A 32 -14.26 6.70 15.48
N GLU A 33 -15.24 6.27 14.70
CA GLU A 33 -15.23 4.96 14.03
CA GLU A 33 -15.18 4.96 14.01
C GLU A 33 -15.67 5.05 12.57
N LEU A 34 -15.28 4.06 11.75
CA LEU A 34 -15.81 3.93 10.39
CA LEU A 34 -15.67 3.93 10.35
C LEU A 34 -16.14 2.49 10.04
N SER A 35 -16.98 2.32 9.03
CA SER A 35 -17.33 0.99 8.61
C SER A 35 -16.11 0.06 8.43
N VAL A 36 -16.19 -1.16 8.97
CA VAL A 36 -15.18 -2.23 8.63
C VAL A 36 -15.16 -2.63 7.17
N ARG A 37 -16.14 -2.17 6.42
CA ARG A 37 -16.11 -2.44 4.98
C ARG A 37 -15.50 -1.34 4.12
N ASP A 38 -14.89 -0.35 4.76
CA ASP A 38 -14.38 0.79 4.02
C ASP A 38 -13.17 0.34 3.15
N ARG A 39 -13.01 0.93 1.96
CA ARG A 39 -11.86 0.49 1.05
C ARG A 39 -10.49 1.03 1.51
N GLY A 40 -10.48 2.06 2.37
CA GLY A 40 -9.21 2.60 2.89
C GLY A 40 -8.63 1.51 3.78
N LEU A 41 -9.45 0.87 4.60
CA LEU A 41 -9.00 -0.28 5.40
C LEU A 41 -8.72 -1.54 4.49
N ALA A 42 -9.61 -1.85 3.57
CA ALA A 42 -9.44 -3.09 2.78
C ALA A 42 -8.17 -3.09 1.89
N TYR A 43 -7.91 -1.93 1.24
CA TYR A 43 -6.88 -1.88 0.19
C TYR A 43 -5.94 -0.69 0.29
N GLY A 44 -6.04 0.02 1.38
CA GLY A 44 -5.34 1.32 1.45
C GLY A 44 -5.71 2.27 0.29
N ASP A 45 -7.01 2.21 -0.08
CA ASP A 45 -7.55 2.94 -1.25
C ASP A 45 -7.95 4.38 -0.82
N GLY A 46 -6.93 5.21 -0.75
CA GLY A 46 -7.11 6.53 -0.22
C GLY A 46 -5.83 7.30 -0.06
N LEU A 47 -6.03 8.50 0.48
CA LEU A 47 -4.98 9.53 0.60
C LEU A 47 -5.00 10.14 2.02
N PHE A 48 -3.85 10.68 2.44
CA PHE A 48 -3.82 11.50 3.66
C PHE A 48 -3.00 12.78 3.56
N GLU A 49 -3.27 13.69 4.53
CA GLU A 49 -2.47 14.88 4.73
C GLU A 49 -2.35 15.07 6.21
N THR A 50 -1.14 15.41 6.67
CA THR A 50 -0.90 15.75 8.06
C THR A 50 -0.56 17.21 8.15
N LEU A 51 -1.47 17.99 8.72
CA LEU A 51 -1.36 19.43 8.65
C LEU A 51 -0.98 19.96 10.03
N ALA A 52 0.02 20.83 10.05
CA ALA A 52 0.39 21.53 11.29
C ALA A 52 -0.68 22.64 11.49
N VAL A 53 -1.26 22.71 12.69
CA VAL A 53 -2.27 23.75 12.95
C VAL A 53 -1.63 24.79 13.94
N ARG A 54 -1.67 26.06 13.56
CA ARG A 54 -1.05 27.17 14.34
C ARG A 54 -2.03 28.35 14.30
N ALA A 55 -2.34 28.92 15.46
CA ALA A 55 -3.21 30.08 15.46
C ALA A 55 -4.55 29.80 14.80
N GLY A 56 -5.11 28.60 14.98
CA GLY A 56 -6.44 28.28 14.53
C GLY A 56 -6.50 27.95 13.05
N THR A 57 -5.34 27.84 12.36
CA THR A 57 -5.43 27.63 10.92
C THR A 57 -4.38 26.60 10.47
N PRO A 58 -4.69 25.88 9.38
CA PRO A 58 -3.67 24.93 8.88
C PRO A 58 -2.53 25.65 8.16
N ARG A 59 -1.29 25.41 8.60
CA ARG A 59 -0.11 26.01 7.97
C ARG A 59 0.09 25.39 6.57
N LEU A 60 0.44 26.19 5.54
CA LEU A 60 0.71 25.64 4.17
C LEU A 60 -0.56 24.94 3.59
N LEU A 61 -1.73 25.49 3.94
CA LEU A 61 -3.01 24.87 3.60
C LEU A 61 -3.09 24.60 2.08
N GLU A 62 -2.66 25.57 1.30
CA GLU A 62 -2.90 25.43 -0.17
C GLU A 62 -1.99 24.36 -0.75
N ARG A 63 -0.82 24.17 -0.15
CA ARG A 63 0.12 23.09 -0.62
C ARG A 63 -0.48 21.74 -0.26
N HIS A 64 -1.04 21.61 0.96
CA HIS A 64 -1.68 20.35 1.31
C HIS A 64 -2.87 20.01 0.41
N LEU A 65 -3.72 21.01 0.17
CA LEU A 65 -4.87 20.77 -0.69
C LEU A 65 -4.44 20.54 -2.15
N ALA A 66 -3.37 21.18 -2.62
CA ALA A 66 -2.89 20.88 -4.03
C ALA A 66 -2.45 19.41 -4.14
N ARG A 67 -1.76 18.92 -3.11
CA ARG A 67 -1.28 17.53 -3.13
C ARG A 67 -2.45 16.54 -3.06
N LEU A 68 -3.39 16.80 -2.16
CA LEU A 68 -4.56 15.96 -1.98
C LEU A 68 -5.37 15.94 -3.28
N GLU A 69 -5.54 17.13 -3.86
CA GLU A 69 -6.27 17.23 -5.16
C GLU A 69 -5.62 16.44 -6.27
N GLU A 70 -4.33 16.57 -6.44
CA GLU A 70 -3.63 15.79 -7.44
C GLU A 70 -3.69 14.28 -7.15
N GLY A 71 -3.61 13.86 -5.86
CA GLY A 71 -3.88 12.46 -5.54
C GLY A 71 -5.29 12.03 -5.95
N CYS A 72 -6.30 12.86 -5.69
CA CYS A 72 -7.69 12.48 -6.01
C CYS A 72 -7.85 12.35 -7.52
N ARG A 73 -7.16 13.23 -8.25
CA ARG A 73 -7.22 13.16 -9.74
C ARG A 73 -6.58 11.88 -10.28
N ARG A 74 -5.37 11.58 -9.81
CA ARG A 74 -4.66 10.39 -10.24
C ARG A 74 -5.29 9.11 -9.77
N LEU A 75 -5.94 9.11 -8.60
CA LEU A 75 -6.65 7.88 -8.15
C LEU A 75 -8.14 7.89 -8.44
N ALA A 76 -8.62 8.91 -9.15
CA ALA A 76 -10.04 9.05 -9.48
C ALA A 76 -10.96 8.93 -8.27
N ILE A 77 -10.60 9.63 -7.19
CA ILE A 77 -11.48 9.72 -6.03
C ILE A 77 -12.29 11.00 -6.09
N PRO A 78 -13.63 10.91 -6.20
CA PRO A 78 -14.54 12.02 -6.47
C PRO A 78 -14.82 12.80 -5.19
N LEU A 79 -13.77 13.45 -4.69
CA LEU A 79 -13.85 14.35 -3.54
C LEU A 79 -14.11 15.79 -3.98
N ASP A 80 -15.05 16.46 -3.32
CA ASP A 80 -15.31 17.88 -3.45
CA ASP A 80 -15.30 17.91 -3.47
C ASP A 80 -14.28 18.65 -2.59
N THR A 81 -13.16 19.03 -3.20
CA THR A 81 -12.02 19.62 -2.47
C THR A 81 -12.35 21.03 -1.97
N ALA A 82 -13.18 21.74 -2.72
CA ALA A 82 -13.68 23.05 -2.28
C ALA A 82 -14.45 22.96 -0.99
N ALA A 83 -15.42 22.04 -0.89
CA ALA A 83 -16.11 21.84 0.37
C ALA A 83 -15.22 21.32 1.48
N LEU A 84 -14.33 20.40 1.12
CA LEU A 84 -13.42 19.86 2.14
CA LEU A 84 -13.37 19.85 2.11
C LEU A 84 -12.61 21.01 2.76
N ARG A 85 -12.17 21.98 1.94
CA ARG A 85 -11.46 23.14 2.49
CA ARG A 85 -11.45 23.16 2.49
C ARG A 85 -12.23 23.81 3.63
N GLN A 86 -13.53 24.10 3.40
CA GLN A 86 -14.39 24.70 4.47
CA GLN A 86 -14.34 24.71 4.49
C GLN A 86 -14.47 23.83 5.76
N GLU A 87 -14.60 22.52 5.60
CA GLU A 87 -14.72 21.60 6.71
C GLU A 87 -13.39 21.53 7.48
N LEU A 88 -12.29 21.54 6.73
CA LEU A 88 -10.96 21.50 7.34
C LEU A 88 -10.73 22.80 8.08
N LEU A 89 -11.11 23.91 7.45
CA LEU A 89 -10.90 25.21 8.15
C LEU A 89 -11.67 25.27 9.47
N ALA A 90 -12.92 24.81 9.47
CA ALA A 90 -13.67 24.80 10.71
C ALA A 90 -13.04 23.87 11.78
N PHE A 91 -12.63 22.66 11.35
CA PHE A 91 -11.96 21.71 12.29
C PHE A 91 -10.69 22.31 12.89
N CYS A 92 -9.87 22.99 12.06
CA CYS A 92 -8.59 23.55 12.58
C CYS A 92 -8.84 24.70 13.53
N ALA A 93 -9.91 25.48 13.26
CA ALA A 93 -10.21 26.57 14.20
C ALA A 93 -10.65 25.99 15.55
N ALA A 94 -11.42 24.88 15.51
CA ALA A 94 -11.85 24.17 16.77
C ALA A 94 -10.63 23.59 17.54
N LEU A 95 -9.64 23.11 16.78
CA LEU A 95 -8.44 22.56 17.35
C LEU A 95 -7.52 23.63 17.99
N GLY A 96 -7.37 24.74 17.26
CA GLY A 96 -6.54 25.87 17.69
C GLY A 96 -5.04 25.67 17.42
N ASP A 97 -4.43 24.60 17.92
CA ASP A 97 -2.99 24.34 17.69
C ASP A 97 -2.81 22.88 17.83
N GLY A 98 -2.00 22.33 16.95
CA GLY A 98 -1.60 20.90 17.08
C GLY A 98 -1.42 20.33 15.70
N VAL A 99 -1.93 19.14 15.50
CA VAL A 99 -1.84 18.47 14.18
C VAL A 99 -3.22 17.97 13.80
N ALA A 100 -3.68 18.28 12.59
CA ALA A 100 -4.92 17.71 12.07
C ALA A 100 -4.51 16.72 11.00
N LYS A 101 -4.89 15.45 11.19
CA LYS A 101 -4.67 14.45 10.15
C LYS A 101 -5.97 14.23 9.41
N LEU A 102 -5.91 14.35 8.08
CA LEU A 102 -7.04 14.12 7.22
C LEU A 102 -6.77 12.79 6.45
N ILE A 103 -7.69 11.83 6.53
CA ILE A 103 -7.61 10.67 5.63
C ILE A 103 -8.84 10.79 4.75
N VAL A 104 -8.65 10.61 3.44
CA VAL A 104 -9.78 10.48 2.53
C VAL A 104 -9.78 9.10 1.90
N THR A 105 -10.87 8.37 2.01
CA THR A 105 -10.88 6.99 1.45
C THR A 105 -11.89 6.96 0.31
N ARG A 106 -11.74 5.99 -0.59
CA ARG A 106 -12.76 5.89 -1.69
C ARG A 106 -14.16 5.58 -1.12
N GLY A 107 -14.22 5.11 0.10
CA GLY A 107 -15.51 4.89 0.78
C GLY A 107 -15.89 3.42 0.75
N GLU A 108 -17.19 3.14 0.79
CA GLU A 108 -17.62 1.77 1.07
C GLU A 108 -17.36 0.83 -0.09
N GLY A 109 -16.91 -0.38 0.27
CA GLY A 109 -16.60 -1.48 -0.64
C GLY A 109 -17.71 -2.49 -0.95
N LEU A 110 -18.26 -2.38 -2.17
CA LEU A 110 -19.28 -3.29 -2.66
CA LEU A 110 -19.28 -3.28 -2.72
C LEU A 110 -18.71 -4.68 -2.99
N ARG A 111 -17.85 -4.78 -3.99
CA ARG A 111 -17.38 -6.06 -4.54
C ARG A 111 -15.93 -6.33 -4.15
N GLY A 112 -15.06 -6.46 -5.15
CA GLY A 112 -13.62 -6.63 -4.88
C GLY A 112 -12.85 -5.35 -5.19
N TYR A 113 -11.74 -5.51 -5.90
CA TYR A 113 -10.84 -4.34 -6.17
C TYR A 113 -11.41 -3.18 -7.01
N ALA A 114 -12.39 -3.46 -7.88
CA ALA A 114 -12.88 -2.42 -8.83
C ALA A 114 -13.33 -1.20 -8.04
N PRO A 115 -12.89 0.02 -8.42
CA PRO A 115 -13.46 1.18 -7.72
C PRO A 115 -14.98 1.25 -7.95
N PRO A 116 -15.81 1.39 -6.86
CA PRO A 116 -17.28 1.33 -7.16
C PRO A 116 -17.72 2.48 -8.03
N ALA A 117 -18.89 2.32 -8.66
CA ALA A 117 -19.35 3.27 -9.68
C ALA A 117 -19.60 4.64 -9.05
N GLU A 118 -20.39 4.66 -7.99
CA GLU A 118 -20.92 5.87 -7.41
C GLU A 118 -20.42 5.97 -5.95
N ALA A 119 -19.11 5.84 -5.78
CA ALA A 119 -18.50 5.84 -4.44
C ALA A 119 -18.64 7.21 -3.86
N SER A 120 -19.00 7.29 -2.60
CA SER A 120 -18.96 8.54 -1.85
C SER A 120 -17.71 8.51 -0.91
N PRO A 121 -16.66 9.32 -1.19
CA PRO A 121 -15.40 9.22 -0.35
C PRO A 121 -15.68 9.56 1.10
N ARG A 122 -14.97 8.90 2.02
CA ARG A 122 -15.07 9.27 3.44
C ARG A 122 -13.99 10.29 3.79
N ARG A 123 -14.35 11.28 4.61
CA ARG A 123 -13.42 12.40 5.01
C ARG A 123 -13.19 12.32 6.53
N ILE A 124 -12.03 11.80 6.94
CA ILE A 124 -11.79 11.56 8.37
C ILE A 124 -10.78 12.60 8.89
N LEU A 125 -11.15 13.31 9.95
CA LEU A 125 -10.23 14.35 10.52
C LEU A 125 -10.01 13.99 11.96
N SER A 126 -8.75 13.88 12.33
CA SER A 126 -8.37 13.60 13.70
C SER A 126 -7.36 14.63 14.21
N GLY A 127 -7.58 15.12 15.42
CA GLY A 127 -6.66 16.11 15.96
C GLY A 127 -5.78 15.50 17.03
N SER A 128 -4.58 16.06 17.15
CA SER A 128 -3.50 15.61 18.05
C SER A 128 -2.72 16.84 18.52
N PRO A 129 -1.98 16.66 19.63
CA PRO A 129 -0.94 17.63 20.06
C PRO A 129 0.22 17.66 19.05
N ARG A 130 1.03 18.72 19.05
CA ARG A 130 2.26 18.71 18.22
C ARG A 130 3.17 17.54 18.55
N PRO A 131 3.83 16.98 17.54
CA PRO A 131 4.84 16.00 17.96
C PRO A 131 5.96 16.69 18.80
N ALA A 132 6.55 15.93 19.70
CA ALA A 132 7.56 16.50 20.56
C ALA A 132 8.96 16.32 19.92
N TYR A 133 9.42 17.32 19.16
CA TYR A 133 10.78 17.32 18.56
C TYR A 133 11.82 18.18 19.32
N PRO A 134 12.98 17.60 19.65
CA PRO A 134 14.08 18.35 20.32
C PRO A 134 14.59 19.45 19.43
N GLU A 135 14.83 20.64 20.02
CA GLU A 135 15.37 21.79 19.26
CA GLU A 135 15.37 21.75 19.23
C GLU A 135 16.79 21.49 18.74
N ARG A 136 17.51 20.59 19.42
CA ARG A 136 18.85 20.30 18.96
C ARG A 136 18.83 19.78 17.52
N HIS A 137 17.76 19.09 17.15
CA HIS A 137 17.68 18.55 15.75
C HIS A 137 17.68 19.69 14.71
N TRP A 138 17.01 20.79 15.02
CA TRP A 138 16.98 22.02 14.21
C TRP A 138 18.29 22.78 14.32
N GLN A 139 18.77 22.98 15.55
CA GLN A 139 20.00 23.78 15.77
C GLN A 139 21.26 23.13 15.28
N GLN A 140 21.46 21.86 15.69
CA GLN A 140 22.70 21.23 15.34
CA GLN A 140 22.70 21.13 15.45
C GLN A 140 22.62 20.18 14.27
N GLY A 141 21.43 19.67 14.04
CA GLY A 141 21.34 18.62 13.01
C GLY A 141 21.26 17.21 13.60
N VAL A 142 21.17 16.25 12.70
CA VAL A 142 20.80 14.91 13.09
C VAL A 142 21.71 13.90 12.43
N ARG A 143 21.68 12.71 13.01
CA ARG A 143 22.30 11.54 12.38
C ARG A 143 21.20 10.62 11.77
N LEU A 144 21.40 10.19 10.53
CA LEU A 144 20.48 9.31 9.81
C LEU A 144 20.83 7.86 10.03
N PHE A 145 19.78 7.04 10.20
CA PHE A 145 19.99 5.56 10.14
C PHE A 145 19.95 5.12 8.68
N ALA A 146 20.85 4.19 8.32
CA ALA A 146 20.90 3.73 6.94
C ALA A 146 19.98 2.55 6.76
N CYS A 147 18.72 2.84 6.37
CA CYS A 147 17.69 1.80 6.25
C CYS A 147 18.07 0.85 5.13
N ARG A 148 17.72 -0.41 5.38
CA ARG A 148 17.86 -1.47 4.41
CA ARG A 148 17.86 -1.47 4.39
C ARG A 148 16.62 -1.61 3.52
N THR A 149 15.45 -1.22 4.05
CA THR A 149 14.18 -1.34 3.30
C THR A 149 14.33 -0.40 2.12
N ARG A 150 14.05 -0.85 0.89
CA ARG A 150 14.18 0.00 -0.30
C ARG A 150 12.78 0.44 -0.70
N LEU A 151 12.72 1.56 -1.40
CA LEU A 151 11.45 2.02 -2.00
C LEU A 151 11.35 1.38 -3.40
N ALA A 152 10.29 0.57 -3.60
CA ALA A 152 9.99 0.00 -4.95
C ALA A 152 9.61 1.14 -5.90
N GLU A 153 9.76 0.89 -7.18
CA GLU A 153 9.54 1.90 -8.21
C GLU A 153 8.18 1.70 -8.82
N GLN A 154 7.24 2.62 -8.56
CA GLN A 154 5.90 2.55 -9.12
C GLN A 154 5.48 3.96 -9.52
N PRO A 155 5.68 4.31 -10.80
CA PRO A 155 5.36 5.69 -11.27
C PRO A 155 3.87 6.09 -11.05
N LEU A 156 2.90 5.13 -11.03
CA LEU A 156 1.50 5.55 -10.84
C LEU A 156 1.17 6.13 -9.48
N LEU A 157 1.96 5.77 -8.47
CA LEU A 157 1.74 6.19 -7.08
C LEU A 157 2.77 7.23 -6.66
N ALA A 158 3.83 7.34 -7.43
CA ALA A 158 4.96 8.25 -7.02
C ALA A 158 4.52 9.67 -6.70
N GLY A 159 5.09 10.15 -5.61
CA GLY A 159 4.82 11.56 -5.16
C GLY A 159 3.57 11.68 -4.28
N LEU A 160 2.58 10.78 -4.41
CA LEU A 160 1.30 10.91 -3.71
C LEU A 160 1.46 10.44 -2.27
N LYS A 161 0.59 11.16 -1.38
CA LYS A 161 0.60 10.78 0.07
C LYS A 161 -0.60 9.91 0.24
N HIS A 162 -0.37 8.62 -0.39
CA HIS A 162 -1.45 7.60 -0.37
C HIS A 162 -1.26 6.68 0.86
N LEU A 163 -2.29 5.87 1.11
CA LEU A 163 -2.29 5.02 2.33
C LEU A 163 -1.52 3.71 2.22
N ASN A 164 -0.94 3.38 1.07
CA ASN A 164 -0.12 2.18 1.02
C ASN A 164 1.25 2.47 1.58
N ARG A 165 1.39 2.40 2.89
CA ARG A 165 2.62 2.88 3.54
C ARG A 165 3.37 1.74 4.28
N LEU A 166 3.20 0.49 3.84
CA LEU A 166 3.95 -0.58 4.55
C LEU A 166 5.48 -0.45 4.34
N GLU A 167 5.98 0.14 3.25
CA GLU A 167 7.48 0.28 3.15
C GLU A 167 7.95 1.23 4.26
N GLN A 168 7.18 2.31 4.57
CA GLN A 168 7.55 3.21 5.68
C GLN A 168 7.47 2.53 7.05
N VAL A 169 6.47 1.66 7.22
CA VAL A 169 6.34 0.91 8.46
C VAL A 169 7.56 -0.02 8.65
N LEU A 170 7.92 -0.73 7.59
CA LEU A 170 9.07 -1.64 7.69
C LEU A 170 10.36 -0.87 7.88
N ALA A 171 10.51 0.27 7.22
CA ALA A 171 11.78 1.00 7.37
C ALA A 171 11.90 1.56 8.80
N ARG A 172 10.76 2.04 9.32
CA ARG A 172 10.77 2.74 10.62
C ARG A 172 11.09 1.70 11.67
N ALA A 173 10.67 0.45 11.41
CA ALA A 173 10.92 -0.65 12.34
C ALA A 173 12.39 -1.06 12.47
N GLU A 174 13.25 -0.52 11.60
CA GLU A 174 14.66 -0.93 11.59
C GLU A 174 15.45 -0.35 12.77
N TRP A 175 14.93 0.71 13.42
CA TRP A 175 15.70 1.29 14.58
C TRP A 175 14.71 1.85 15.55
N SER A 176 15.07 1.82 16.86
CA SER A 176 14.15 2.34 17.87
C SER A 176 14.93 3.18 18.90
N ASP A 177 16.15 3.56 18.55
CA ASP A 177 17.03 4.27 19.46
C ASP A 177 16.97 5.78 19.20
N ALA A 178 17.35 6.53 20.21
CA ALA A 178 17.24 8.02 20.16
C ALA A 178 18.41 8.67 19.48
N GLY A 179 19.41 7.92 19.06
CA GLY A 179 20.60 8.48 18.46
C GLY A 179 20.51 8.70 16.98
N HIS A 180 19.41 8.18 16.39
CA HIS A 180 19.13 8.44 14.97
C HIS A 180 17.74 9.12 14.92
N ALA A 181 17.64 10.33 14.38
CA ALA A 181 16.40 11.07 14.32
C ALA A 181 15.51 10.64 13.12
N GLU A 182 16.14 10.07 12.11
CA GLU A 182 15.42 9.74 10.84
C GLU A 182 16.17 8.64 10.16
N GLY A 183 15.59 8.03 9.13
CA GLY A 183 16.32 6.95 8.39
C GLY A 183 16.35 7.36 6.94
N LEU A 184 17.45 7.09 6.26
CA LEU A 184 17.55 7.38 4.84
C LEU A 184 17.04 6.20 3.97
N MET A 185 16.14 6.54 3.06
CA MET A 185 15.53 5.54 2.18
CA MET A 185 15.51 5.56 2.16
CA MET A 185 15.63 5.48 2.19
C MET A 185 16.13 5.65 0.79
N LEU A 186 16.70 4.56 0.35
CA LEU A 186 17.07 4.43 -1.06
C LEU A 186 16.04 3.72 -1.89
N ASP A 187 16.06 3.88 -3.22
CA ASP A 187 15.22 3.06 -4.04
C ASP A 187 15.87 1.68 -4.32
N VAL A 188 15.18 0.87 -5.11
CA VAL A 188 15.68 -0.50 -5.38
C VAL A 188 16.91 -0.51 -6.30
N HIS A 189 17.28 0.63 -6.87
CA HIS A 189 18.58 0.78 -7.59
C HIS A 189 19.57 1.67 -6.83
N GLU A 190 19.36 1.81 -5.52
CA GLU A 190 20.28 2.48 -4.56
C GLU A 190 20.31 4.00 -4.76
N ARG A 191 19.31 4.56 -5.42
CA ARG A 191 19.27 6.01 -5.52
C ARG A 191 18.82 6.61 -4.20
N VAL A 192 19.38 7.78 -3.85
CA VAL A 192 19.00 8.45 -2.60
C VAL A 192 17.66 9.13 -2.86
N VAL A 193 16.63 8.78 -2.09
CA VAL A 193 15.31 9.34 -2.39
C VAL A 193 14.82 10.29 -1.26
N GLU A 194 14.65 9.79 -0.05
CA GLU A 194 14.00 10.63 1.00
CA GLU A 194 14.01 10.60 1.01
C GLU A 194 14.23 9.96 2.37
N GLY A 195 13.69 10.58 3.40
CA GLY A 195 13.66 9.97 4.74
C GLY A 195 12.45 9.03 4.87
N VAL A 196 12.28 8.42 6.04
CA VAL A 196 11.10 7.61 6.27
C VAL A 196 9.84 8.48 6.37
N PHE A 197 9.98 9.66 6.93
CA PHE A 197 8.81 10.56 7.14
C PHE A 197 9.13 12.02 6.72
N SER A 198 10.12 12.22 5.85
CA SER A 198 10.49 13.60 5.54
C SER A 198 11.24 13.53 4.19
N ASN A 199 11.38 14.65 3.50
CA ASN A 199 12.21 14.62 2.27
C ASN A 199 13.63 15.03 2.56
N LEU A 200 14.51 14.64 1.66
CA LEU A 200 15.94 14.98 1.71
C LEU A 200 16.29 15.91 0.55
N LEU A 201 17.02 16.98 0.86
CA LEU A 201 17.62 17.85 -0.17
CA LEU A 201 17.58 17.90 -0.13
C LEU A 201 19.08 18.10 0.12
N LEU A 202 19.84 18.46 -0.92
CA LEU A 202 21.29 18.63 -0.82
CA LEU A 202 21.24 18.76 -0.64
C LEU A 202 21.66 19.95 -1.46
N VAL A 203 22.87 20.45 -1.15
CA VAL A 203 23.37 21.62 -1.81
C VAL A 203 24.73 21.30 -2.41
N LEU A 204 24.91 21.60 -3.69
CA LEU A 204 26.22 21.37 -4.32
C LEU A 204 26.63 22.59 -5.14
N ASP A 205 27.73 23.24 -4.76
CA ASP A 205 28.25 24.38 -5.56
C ASP A 205 27.18 25.40 -5.80
N GLY A 206 26.43 25.69 -4.75
CA GLY A 206 25.38 26.66 -4.77
C GLY A 206 24.06 26.28 -5.33
N THR A 207 23.91 24.98 -5.76
CA THR A 207 22.61 24.58 -6.36
C THR A 207 21.88 23.79 -5.32
N LEU A 208 20.61 24.12 -5.16
CA LEU A 208 19.76 23.27 -4.29
C LEU A 208 19.27 22.11 -5.17
N VAL A 209 19.61 20.90 -4.74
CA VAL A 209 19.30 19.73 -5.48
C VAL A 209 18.28 18.86 -4.76
N ALA A 210 17.17 18.54 -5.43
CA ALA A 210 16.19 17.63 -4.84
C ALA A 210 16.18 16.29 -5.61
N PRO A 211 16.31 15.17 -4.90
CA PRO A 211 16.13 13.86 -5.55
C PRO A 211 14.82 13.86 -6.32
N ASP A 212 14.84 13.29 -7.51
CA ASP A 212 13.69 13.15 -8.36
C ASP A 212 12.69 12.11 -7.87
N LEU A 213 11.41 12.51 -7.69
CA LEU A 213 10.42 11.62 -7.03
C LEU A 213 9.47 10.98 -8.05
N ARG A 214 9.93 10.85 -9.30
CA ARG A 214 9.01 10.34 -10.31
C ARG A 214 8.75 8.85 -10.24
N ARG A 215 9.58 8.11 -9.48
CA ARG A 215 9.42 6.62 -9.45
C ARG A 215 8.85 6.22 -8.08
N CYS A 216 9.17 7.03 -7.05
CA CYS A 216 8.76 6.70 -5.66
C CYS A 216 9.04 7.84 -4.75
N GLY A 217 8.52 7.76 -3.52
CA GLY A 217 8.70 8.86 -2.58
C GLY A 217 7.43 9.72 -2.52
N VAL A 218 7.42 10.63 -1.53
CA VAL A 218 6.23 11.51 -1.37
C VAL A 218 6.69 12.92 -1.60
N ALA A 219 5.97 13.66 -2.47
CA ALA A 219 6.34 15.03 -2.76
C ALA A 219 5.90 15.96 -1.66
N GLY A 220 6.85 16.22 -0.77
CA GLY A 220 6.53 16.91 0.52
C GLY A 220 6.00 18.34 0.23
N VAL A 221 5.10 18.77 1.10
CA VAL A 221 4.63 20.18 1.03
CA VAL A 221 4.58 20.13 1.15
C VAL A 221 5.75 21.09 1.51
N MET A 222 6.58 20.70 2.51
CA MET A 222 7.68 21.57 2.87
C MET A 222 8.73 21.56 1.78
N ARG A 223 8.92 20.39 1.15
CA ARG A 223 9.90 20.35 0.01
C ARG A 223 9.45 21.37 -1.07
N ALA A 224 8.15 21.40 -1.37
CA ALA A 224 7.66 22.33 -2.46
C ALA A 224 7.85 23.78 -2.04
N GLU A 225 7.50 24.02 -0.78
CA GLU A 225 7.71 25.39 -0.17
C GLU A 225 9.13 25.85 -0.26
N LEU A 226 10.09 24.98 0.10
CA LEU A 226 11.49 25.35 0.10
C LEU A 226 12.10 25.48 -1.30
N LEU A 227 11.67 24.58 -2.21
CA LEU A 227 12.11 24.82 -3.61
C LEU A 227 11.68 26.20 -4.15
N GLU A 228 10.46 26.60 -3.86
CA GLU A 228 9.91 27.89 -4.36
CA GLU A 228 9.92 27.88 -4.37
C GLU A 228 10.60 29.06 -3.65
N ARG A 229 10.86 28.90 -2.34
CA ARG A 229 11.57 29.94 -1.57
C ARG A 229 12.96 30.11 -2.11
N ALA A 230 13.70 29.01 -2.35
CA ALA A 230 15.09 29.06 -2.80
C ALA A 230 15.14 29.73 -4.21
N GLU A 231 14.29 29.27 -5.12
CA GLU A 231 14.19 29.87 -6.50
C GLU A 231 13.87 31.39 -6.42
N GLY A 232 13.02 31.76 -5.47
CA GLY A 232 12.55 33.16 -5.23
C GLY A 232 13.71 34.04 -4.75
N ILE A 233 14.78 33.45 -4.19
CA ILE A 233 15.93 34.28 -3.74
C ILE A 233 17.10 34.05 -4.66
N GLY A 234 16.84 33.47 -5.82
CA GLY A 234 17.92 33.32 -6.85
C GLY A 234 18.86 32.14 -6.69
N VAL A 235 18.45 31.14 -5.93
CA VAL A 235 19.30 29.95 -5.85
C VAL A 235 18.86 29.04 -6.99
N PRO A 236 19.83 28.56 -7.78
CA PRO A 236 19.45 27.68 -8.90
C PRO A 236 18.95 26.34 -8.34
N LEU A 237 17.96 25.71 -8.96
CA LEU A 237 17.46 24.42 -8.50
C LEU A 237 17.85 23.35 -9.53
N ALA A 238 17.93 22.09 -9.07
CA ALA A 238 18.03 20.94 -9.96
C ALA A 238 17.25 19.77 -9.31
N ILE A 239 16.44 19.11 -10.12
CA ILE A 239 15.76 17.88 -9.70
C ILE A 239 16.37 16.71 -10.47
N ARG A 240 16.95 15.73 -9.78
CA ARG A 240 17.59 14.62 -10.54
C ARG A 240 17.87 13.47 -9.63
N ASP A 241 18.41 12.43 -10.23
CA ASP A 241 18.76 11.24 -9.45
C ASP A 241 20.02 11.51 -8.75
N VAL A 242 20.09 11.11 -7.48
CA VAL A 242 21.25 11.38 -6.65
C VAL A 242 21.84 10.06 -6.20
N SER A 243 23.12 9.77 -6.50
CA SER A 243 23.79 8.64 -5.88
C SER A 243 24.30 8.82 -4.47
N MET A 244 24.62 7.69 -3.82
CA MET A 244 25.23 7.72 -2.52
C MET A 244 26.58 8.49 -2.56
N ALA A 245 27.31 8.28 -3.64
CA ALA A 245 28.61 8.93 -3.80
C ALA A 245 28.48 10.48 -3.90
N GLU A 246 27.47 10.95 -4.64
CA GLU A 246 27.13 12.38 -4.81
C GLU A 246 26.68 12.93 -3.44
N LEU A 247 25.84 12.18 -2.74
CA LEU A 247 25.39 12.61 -1.39
C LEU A 247 26.58 12.87 -0.51
N ALA A 248 27.53 11.92 -0.51
CA ALA A 248 28.76 12.01 0.31
C ALA A 248 29.59 13.24 0.03
N THR A 249 29.60 13.72 -1.19
CA THR A 249 30.39 14.92 -1.50
C THR A 249 29.52 16.22 -1.60
N ALA A 250 28.24 16.15 -1.21
CA ALA A 250 27.44 17.40 -1.17
C ALA A 250 28.04 18.40 -0.17
N ASP A 251 27.82 19.68 -0.41
CA ASP A 251 28.26 20.68 0.54
C ASP A 251 27.43 20.77 1.81
N GLU A 252 26.10 20.59 1.65
CA GLU A 252 25.09 20.61 2.74
C GLU A 252 24.06 19.54 2.40
N VAL A 253 23.43 18.98 3.45
CA VAL A 253 22.35 17.97 3.31
C VAL A 253 21.34 18.39 4.41
N PHE A 254 20.06 18.38 4.07
CA PHE A 254 19.08 18.56 5.16
C PHE A 254 17.81 17.74 4.90
N LEU A 255 17.01 17.53 5.97
CA LEU A 255 15.68 16.91 5.77
C LEU A 255 14.65 17.97 6.00
N CYS A 256 13.47 17.77 5.45
CA CYS A 256 12.38 18.74 5.65
C CYS A 256 11.02 18.06 5.71
N ASN A 257 10.11 18.66 6.45
CA ASN A 257 8.74 18.26 6.48
C ASN A 257 7.88 19.31 7.14
N SER A 258 6.58 19.15 6.97
CA SER A 258 5.60 20.18 7.34
C SER A 258 5.53 20.34 8.86
N GLN A 259 6.06 19.35 9.60
CA GLN A 259 5.88 19.36 11.10
C GLN A 259 7.12 19.88 11.77
N PHE A 260 8.30 19.34 11.43
CA PHE A 260 9.52 19.85 12.04
C PHE A 260 10.23 20.97 11.28
N GLY A 261 9.84 21.22 10.00
CA GLY A 261 10.51 22.21 9.17
C GLY A 261 11.80 21.71 8.51
N ILE A 262 12.93 22.01 9.14
CA ILE A 262 14.24 21.59 8.56
C ILE A 262 15.17 21.05 9.63
N TRP A 263 15.73 19.86 9.44
CA TRP A 263 16.83 19.37 10.30
C TRP A 263 18.07 19.20 9.42
N PRO A 264 19.12 19.97 9.68
CA PRO A 264 20.39 19.79 8.95
C PRO A 264 20.80 18.34 9.18
N VAL A 265 21.35 17.72 8.14
CA VAL A 265 21.89 16.33 8.33
C VAL A 265 23.39 16.45 8.61
N ARG A 266 23.79 15.91 9.76
CA ARG A 266 25.18 16.02 10.15
C ARG A 266 25.96 14.72 9.95
N ALA A 267 25.29 13.58 9.85
CA ALA A 267 26.08 12.31 9.74
C ALA A 267 25.19 11.23 9.22
N LEU A 268 25.83 10.30 8.49
CA LEU A 268 25.18 9.06 7.99
C LEU A 268 26.36 8.06 7.96
N ASP A 269 26.28 7.06 8.83
CA ASP A 269 27.39 6.11 9.02
C ASP A 269 28.66 6.96 9.25
N GLU A 270 29.67 6.85 8.41
CA GLU A 270 30.90 7.66 8.65
C GLU A 270 30.91 9.04 8.00
N HIS A 271 29.88 9.34 7.20
CA HIS A 271 29.86 10.58 6.47
C HIS A 271 29.51 11.65 7.41
N VAL A 272 30.11 12.82 7.19
CA VAL A 272 29.91 13.95 8.09
C VAL A 272 29.74 15.23 7.23
N TRP A 273 28.87 16.14 7.72
CA TRP A 273 28.63 17.40 7.07
C TRP A 273 28.42 18.46 8.13
N PRO A 274 28.87 19.68 7.84
CA PRO A 274 28.52 20.78 8.75
C PRO A 274 27.10 21.29 8.51
N VAL A 275 26.54 22.11 9.42
CA VAL A 275 25.31 22.83 9.10
C VAL A 275 25.64 23.86 8.09
N GLY A 276 24.92 23.89 6.99
CA GLY A 276 25.35 24.68 5.83
C GLY A 276 24.78 26.08 5.79
N GLU A 277 25.34 26.90 4.90
CA GLU A 277 24.90 28.27 4.80
C GLU A 277 23.46 28.36 4.23
N LEU A 278 23.16 27.62 3.13
CA LEU A 278 21.80 27.77 2.56
C LEU A 278 20.77 27.16 3.49
N THR A 279 21.16 26.04 4.12
CA THR A 279 20.30 25.42 5.12
C THR A 279 19.83 26.44 6.22
N ARG A 280 20.81 27.15 6.76
CA ARG A 280 20.48 28.09 7.84
CA ARG A 280 20.59 28.16 7.80
C ARG A 280 19.68 29.29 7.31
N LYS A 281 19.92 29.69 6.06
CA LYS A 281 19.10 30.79 5.48
C LYS A 281 17.63 30.37 5.39
N LEU A 282 17.41 29.13 4.94
CA LEU A 282 16.04 28.64 4.77
C LEU A 282 15.39 28.42 6.15
N GLN A 283 16.16 27.94 7.14
CA GLN A 283 15.61 27.87 8.55
C GLN A 283 15.18 29.23 9.07
N ASP A 284 16.00 30.24 8.83
CA ASP A 284 15.65 31.61 9.23
C ASP A 284 14.37 32.06 8.55
N GLN A 285 14.17 31.75 7.24
CA GLN A 285 12.89 32.01 6.58
C GLN A 285 11.76 31.28 7.27
N LEU A 286 11.94 29.97 7.56
CA LEU A 286 10.86 29.25 8.24
C LEU A 286 10.49 29.84 9.64
N ARG A 287 11.53 30.17 10.38
CA ARG A 287 11.40 30.83 11.69
C ARG A 287 10.72 32.22 11.52
N ASP A 288 11.16 33.03 10.58
CA ASP A 288 10.62 34.40 10.49
C ASP A 288 9.27 34.44 9.85
N ASP A 289 9.01 33.53 8.91
CA ASP A 289 7.81 33.64 8.09
C ASP A 289 6.69 32.66 8.38
N LEU A 290 7.04 31.48 8.89
CA LEU A 290 6.08 30.39 9.11
C LEU A 290 6.01 29.88 10.56
N ASP A 291 6.49 30.67 11.53
CA ASP A 291 6.32 30.34 12.97
C ASP A 291 7.11 29.11 13.44
N PHE A 292 8.14 28.69 12.73
CA PHE A 292 8.91 27.53 13.14
C PHE A 292 9.83 27.80 14.36
N LEU B 23 -23.26 -10.38 8.54
CA LEU B 23 -22.36 -10.65 9.72
C LEU B 23 -21.07 -9.79 9.70
N ASP B 24 -20.84 -9.01 10.77
CA ASP B 24 -19.51 -8.38 10.98
C ASP B 24 -19.10 -8.48 12.43
N TRP B 25 -17.90 -8.99 12.66
CA TRP B 25 -17.32 -9.09 13.98
C TRP B 25 -16.04 -8.31 14.08
N VAL B 26 -15.81 -7.66 15.22
CA VAL B 26 -14.48 -7.13 15.49
C VAL B 26 -14.07 -7.74 16.79
N ASP B 27 -12.90 -8.35 16.75
CA ASP B 27 -12.31 -9.08 17.92
C ASP B 27 -13.31 -10.07 18.57
N GLY B 28 -14.01 -10.80 17.72
CA GLY B 28 -14.89 -11.88 18.15
C GLY B 28 -16.26 -11.51 18.67
N ARG B 29 -16.65 -10.21 18.60
CA ARG B 29 -17.95 -9.71 19.04
C ARG B 29 -18.56 -8.90 17.90
N PRO B 30 -19.89 -8.99 17.70
CA PRO B 30 -20.60 -8.22 16.69
C PRO B 30 -20.28 -6.73 16.74
N ALA B 31 -19.82 -6.16 15.61
CA ALA B 31 -19.34 -4.78 15.53
C ALA B 31 -19.19 -4.49 14.01
N ALA B 32 -19.81 -3.41 13.52
CA ALA B 32 -19.64 -3.13 12.09
C ALA B 32 -18.73 -1.93 11.81
N GLU B 33 -18.07 -1.43 12.86
CA GLU B 33 -17.14 -0.27 12.75
C GLU B 33 -15.85 -0.43 13.52
N LEU B 34 -14.80 0.31 13.12
CA LEU B 34 -13.57 0.32 13.88
C LEU B 34 -12.98 1.72 13.99
N SER B 35 -12.06 1.88 14.94
CA SER B 35 -11.46 3.17 15.30
C SER B 35 -10.83 3.84 14.08
N VAL B 36 -11.16 5.13 13.84
CA VAL B 36 -10.52 5.83 12.74
C VAL B 36 -9.01 5.96 12.92
N ARG B 37 -8.51 5.54 14.09
CA ARG B 37 -7.05 5.58 14.31
C ARG B 37 -6.31 4.27 14.11
N ASP B 38 -7.04 3.32 13.55
CA ASP B 38 -6.47 2.02 13.26
C ASP B 38 -5.37 2.18 12.19
N ARG B 39 -4.34 1.32 12.32
CA ARG B 39 -3.24 1.32 11.36
C ARG B 39 -3.49 0.64 10.05
N GLY B 40 -4.50 -0.25 10.01
CA GLY B 40 -4.95 -0.92 8.79
C GLY B 40 -5.45 0.24 7.88
N LEU B 41 -6.26 1.13 8.45
CA LEU B 41 -6.74 2.31 7.69
C LEU B 41 -5.61 3.30 7.40
N ALA B 42 -4.74 3.53 8.34
CA ALA B 42 -3.74 4.66 8.14
C ALA B 42 -2.65 4.30 7.12
N TYR B 43 -2.21 3.03 7.12
CA TYR B 43 -1.01 2.66 6.40
C TYR B 43 -1.14 1.34 5.63
N GLY B 44 -2.34 0.79 5.60
CA GLY B 44 -2.60 -0.58 5.14
C GLY B 44 -1.73 -1.57 5.88
N ASP B 45 -1.58 -1.33 7.18
CA ASP B 45 -0.64 -2.11 8.06
C ASP B 45 -1.40 -3.35 8.56
N GLY B 46 -1.47 -4.35 7.69
CA GLY B 46 -2.26 -5.51 8.02
C GLY B 46 -2.31 -6.47 6.87
N LEU B 47 -3.09 -7.53 7.10
CA LEU B 47 -3.16 -8.68 6.16
C LEU B 47 -4.64 -9.05 5.99
N PHE B 48 -4.93 -9.82 4.93
CA PHE B 48 -6.31 -10.33 4.77
C PHE B 48 -6.35 -11.70 4.14
N GLU B 49 -7.48 -12.41 4.37
CA GLU B 49 -7.76 -13.72 3.74
C GLU B 49 -9.24 -13.70 3.40
N THR B 50 -9.56 -14.29 2.26
CA THR B 50 -10.93 -14.41 1.80
C THR B 50 -11.23 -15.93 1.65
N LEU B 51 -12.05 -16.42 2.58
CA LEU B 51 -12.28 -17.88 2.73
C LEU B 51 -13.67 -18.30 2.17
N ALA B 52 -13.71 -19.29 1.26
CA ALA B 52 -15.02 -19.86 0.88
C ALA B 52 -15.52 -20.70 2.06
N VAL B 53 -16.80 -20.58 2.39
CA VAL B 53 -17.44 -21.26 3.53
C VAL B 53 -18.56 -22.19 3.00
N ARG B 54 -18.50 -23.46 3.40
CA ARG B 54 -19.50 -24.49 3.03
C ARG B 54 -19.73 -25.39 4.27
N ALA B 55 -20.99 -25.53 4.71
CA ALA B 55 -21.39 -26.37 5.85
C ALA B 55 -20.76 -25.89 7.14
N GLY B 56 -20.68 -24.56 7.27
CA GLY B 56 -20.14 -23.94 8.47
C GLY B 56 -18.67 -24.00 8.60
N THR B 57 -17.96 -24.46 7.57
CA THR B 57 -16.50 -24.50 7.71
C THR B 57 -15.80 -23.97 6.46
N PRO B 58 -14.60 -23.43 6.66
CA PRO B 58 -13.88 -22.83 5.55
C PRO B 58 -13.18 -23.87 4.70
N ARG B 59 -13.30 -23.71 3.40
CA ARG B 59 -12.57 -24.57 2.48
C ARG B 59 -11.08 -24.18 2.52
N LEU B 60 -10.19 -25.17 2.35
CA LEU B 60 -8.69 -24.93 2.28
C LEU B 60 -8.20 -24.12 3.45
N LEU B 61 -8.87 -24.33 4.61
CA LEU B 61 -8.50 -23.60 5.83
C LEU B 61 -6.99 -23.55 6.18
N GLU B 62 -6.31 -24.69 6.17
CA GLU B 62 -4.86 -24.79 6.49
CA GLU B 62 -4.91 -24.69 6.59
C GLU B 62 -4.00 -23.86 5.65
N ARG B 63 -4.32 -23.82 4.35
CA ARG B 63 -3.53 -23.00 3.40
C ARG B 63 -3.75 -21.50 3.69
N HIS B 64 -4.99 -21.12 4.00
CA HIS B 64 -5.30 -19.69 4.31
C HIS B 64 -4.61 -19.33 5.59
N LEU B 65 -4.73 -20.19 6.60
CA LEU B 65 -3.97 -19.97 7.82
C LEU B 65 -2.45 -19.92 7.67
N ALA B 66 -1.87 -20.78 6.88
CA ALA B 66 -0.42 -20.79 6.62
C ALA B 66 0.03 -19.46 6.01
N ARG B 67 -0.75 -18.95 5.04
CA ARG B 67 -0.35 -17.68 4.45
C ARG B 67 -0.51 -16.49 5.44
N LEU B 68 -1.62 -16.45 6.16
CA LEU B 68 -1.84 -15.38 7.14
C LEU B 68 -0.68 -15.41 8.17
N GLU B 69 -0.34 -16.60 8.65
CA GLU B 69 0.68 -16.71 9.73
C GLU B 69 2.02 -16.24 9.23
N GLU B 70 2.36 -16.60 7.99
CA GLU B 70 3.63 -16.15 7.45
C GLU B 70 3.64 -14.63 7.23
N GLY B 71 2.54 -14.07 6.81
CA GLY B 71 2.45 -12.58 6.74
C GLY B 71 2.64 -11.95 8.14
N CYS B 72 2.00 -12.53 9.16
CA CYS B 72 2.13 -12.01 10.52
C CYS B 72 3.60 -12.11 10.95
N ARG B 73 4.26 -13.22 10.61
CA ARG B 73 5.70 -13.30 10.95
C ARG B 73 6.53 -12.22 10.26
N ARG B 74 6.39 -12.11 8.93
CA ARG B 74 7.18 -11.17 8.20
C ARG B 74 6.85 -9.69 8.51
N LEU B 75 5.61 -9.40 8.90
CA LEU B 75 5.28 -8.02 9.28
C LEU B 75 5.35 -7.80 10.78
N ALA B 76 5.79 -8.82 11.52
CA ALA B 76 5.82 -8.78 12.96
C ALA B 76 4.53 -8.32 13.65
N ILE B 77 3.39 -8.85 13.24
CA ILE B 77 2.09 -8.56 13.85
C ILE B 77 1.80 -9.71 14.81
N PRO B 78 1.65 -9.35 16.11
CA PRO B 78 1.55 -10.36 17.21
C PRO B 78 0.14 -10.87 17.30
N LEU B 79 -0.24 -11.62 16.27
CA LEU B 79 -1.49 -12.28 16.27
C LEU B 79 -1.33 -13.67 16.84
N ASP B 80 -2.24 -14.09 17.72
CA ASP B 80 -2.29 -15.47 18.18
C ASP B 80 -3.16 -16.24 17.21
N THR B 81 -2.49 -16.96 16.33
CA THR B 81 -3.14 -17.55 15.18
C THR B 81 -3.93 -18.80 15.58
N ALA B 82 -3.56 -19.34 16.75
CA ALA B 82 -4.27 -20.49 17.35
C ALA B 82 -5.65 -20.13 17.92
N ALA B 83 -5.70 -19.10 18.75
CA ALA B 83 -6.96 -18.51 19.21
C ALA B 83 -7.74 -17.97 18.02
N LEU B 84 -7.06 -17.48 16.99
CA LEU B 84 -7.81 -17.00 15.84
C LEU B 84 -8.58 -18.13 15.11
N ARG B 85 -7.99 -19.34 15.01
CA ARG B 85 -8.63 -20.43 14.26
CA ARG B 85 -8.57 -20.46 14.31
C ARG B 85 -9.97 -20.74 14.89
N GLN B 86 -10.04 -20.74 16.24
CA GLN B 86 -11.29 -20.91 17.00
CA GLN B 86 -11.32 -21.01 16.86
C GLN B 86 -12.33 -19.89 16.59
N GLU B 87 -11.90 -18.63 16.65
CA GLU B 87 -12.80 -17.49 16.39
C GLU B 87 -13.33 -17.54 14.98
N LEU B 88 -12.44 -17.82 14.03
CA LEU B 88 -12.78 -18.00 12.65
C LEU B 88 -13.77 -19.16 12.43
N LEU B 89 -13.54 -20.28 13.12
CA LEU B 89 -14.42 -21.44 13.01
C LEU B 89 -15.87 -21.15 13.48
N ALA B 90 -15.95 -20.38 14.58
CA ALA B 90 -17.23 -19.93 15.14
C ALA B 90 -17.95 -18.97 14.21
N PHE B 91 -17.19 -18.04 13.59
CA PHE B 91 -17.74 -17.15 12.59
C PHE B 91 -18.26 -17.96 11.38
N CYS B 92 -17.51 -18.95 10.91
CA CYS B 92 -17.94 -19.65 9.72
C CYS B 92 -19.22 -20.49 9.98
N ALA B 93 -19.31 -21.05 11.18
CA ALA B 93 -20.50 -21.84 11.64
C ALA B 93 -21.72 -20.91 11.63
N ALA B 94 -21.56 -19.68 12.16
CA ALA B 94 -22.65 -18.67 12.13
C ALA B 94 -23.03 -18.26 10.72
N LEU B 95 -22.02 -18.11 9.85
CA LEU B 95 -22.28 -17.79 8.49
C LEU B 95 -22.92 -18.93 7.70
N GLY B 96 -22.49 -20.17 7.95
CA GLY B 96 -23.05 -21.35 7.26
C GLY B 96 -22.57 -21.58 5.84
N ASP B 97 -22.91 -20.64 4.93
CA ASP B 97 -22.49 -20.65 3.52
C ASP B 97 -22.15 -19.26 2.96
N GLY B 98 -21.03 -19.14 2.24
CA GLY B 98 -20.75 -17.92 1.43
C GLY B 98 -19.26 -17.60 1.49
N VAL B 99 -18.93 -16.33 1.76
CA VAL B 99 -17.52 -15.94 1.91
CA VAL B 99 -17.52 -15.91 1.89
C VAL B 99 -17.28 -15.26 3.24
N ALA B 100 -16.20 -15.65 3.91
CA ALA B 100 -15.77 -14.99 5.15
C ALA B 100 -14.47 -14.21 4.85
N LYS B 101 -14.50 -12.87 5.00
CA LYS B 101 -13.27 -12.10 4.79
C LYS B 101 -12.74 -11.73 6.14
N LEU B 102 -11.52 -12.17 6.40
CA LEU B 102 -10.76 -11.81 7.59
C LEU B 102 -9.74 -10.68 7.27
N ILE B 103 -9.71 -9.62 8.07
CA ILE B 103 -8.64 -8.59 7.97
C ILE B 103 -7.99 -8.54 9.34
N VAL B 104 -6.68 -8.68 9.36
CA VAL B 104 -5.92 -8.50 10.59
C VAL B 104 -5.12 -7.18 10.47
N THR B 105 -5.32 -6.25 11.41
CA THR B 105 -4.45 -5.06 11.36
C THR B 105 -3.54 -5.02 12.55
N ARG B 106 -2.49 -4.21 12.49
CA ARG B 106 -1.61 -4.06 13.65
C ARG B 106 -2.32 -3.39 14.79
N GLY B 107 -3.47 -2.79 14.53
CA GLY B 107 -4.30 -2.20 15.57
C GLY B 107 -4.03 -0.71 15.77
N GLU B 108 -4.27 -0.22 16.98
CA GLU B 108 -4.44 1.27 17.16
C GLU B 108 -3.11 1.94 16.95
N GLY B 109 -3.12 3.08 16.26
CA GLY B 109 -1.91 3.88 16.08
C GLY B 109 -1.74 5.03 17.06
N LEU B 110 -0.57 5.01 17.70
CA LEU B 110 -0.07 6.11 18.52
C LEU B 110 0.45 7.27 17.64
N ARG B 111 1.75 7.38 17.46
CA ARG B 111 2.34 8.55 16.80
C ARG B 111 2.25 8.43 15.27
N GLY B 112 3.26 7.84 14.66
CA GLY B 112 3.34 7.79 13.22
C GLY B 112 3.63 6.40 12.72
N TYR B 113 4.60 6.28 11.80
CA TYR B 113 4.83 4.92 11.19
C TYR B 113 5.34 3.82 12.13
N ALA B 114 6.09 4.16 13.14
CA ALA B 114 6.71 3.14 14.03
C ALA B 114 5.67 2.08 14.53
N PRO B 115 5.92 0.77 14.32
CA PRO B 115 4.98 -0.19 14.89
C PRO B 115 4.98 -0.02 16.39
N PRO B 116 3.78 0.15 17.02
CA PRO B 116 3.80 0.38 18.48
C PRO B 116 4.30 -0.85 19.25
N ALA B 117 4.85 -0.56 20.43
CA ALA B 117 5.51 -1.61 21.20
C ALA B 117 4.53 -2.70 21.59
N GLU B 118 3.45 -2.31 22.24
CA GLU B 118 2.55 -3.26 22.85
C GLU B 118 1.30 -3.23 22.02
N ALA B 119 1.49 -3.45 20.72
CA ALA B 119 0.35 -3.35 19.82
C ALA B 119 -0.64 -4.52 20.08
N SER B 120 -1.94 -4.25 20.08
CA SER B 120 -2.93 -5.35 20.04
C SER B 120 -3.64 -5.46 18.67
N PRO B 121 -3.37 -6.52 17.87
CA PRO B 121 -3.97 -6.64 16.49
C PRO B 121 -5.48 -6.70 16.46
N ARG B 122 -6.11 -6.07 15.45
CA ARG B 122 -7.58 -6.10 15.35
C ARG B 122 -7.89 -7.23 14.40
N ARG B 123 -8.90 -8.02 14.73
CA ARG B 123 -9.39 -9.14 13.88
C ARG B 123 -10.80 -8.83 13.46
N ILE B 124 -10.97 -8.57 12.16
CA ILE B 124 -12.22 -8.14 11.60
C ILE B 124 -12.71 -9.27 10.69
N LEU B 125 -13.95 -9.71 10.93
CA LEU B 125 -14.59 -10.75 10.14
C LEU B 125 -15.88 -10.26 9.51
N SER B 126 -15.97 -10.40 8.19
CA SER B 126 -17.13 -9.89 7.46
C SER B 126 -17.66 -10.98 6.56
N GLY B 127 -18.97 -11.19 6.59
CA GLY B 127 -19.55 -12.25 5.75
C GLY B 127 -20.36 -11.73 4.60
N SER B 128 -20.38 -12.53 3.53
CA SER B 128 -20.98 -12.14 2.25
C SER B 128 -21.50 -13.41 1.57
N PRO B 129 -22.45 -13.26 0.61
CA PRO B 129 -22.85 -14.46 -0.15
C PRO B 129 -21.77 -14.89 -1.10
N ARG B 130 -21.84 -16.14 -1.59
CA ARG B 130 -20.89 -16.57 -2.64
C ARG B 130 -20.97 -15.50 -3.70
N PRO B 131 -19.83 -15.00 -4.21
CA PRO B 131 -20.00 -14.06 -5.31
C PRO B 131 -20.36 -14.80 -6.60
N ALA B 132 -20.72 -14.06 -7.63
CA ALA B 132 -21.38 -14.61 -8.79
C ALA B 132 -20.35 -14.90 -9.88
N TYR B 133 -19.40 -15.81 -9.62
CA TYR B 133 -18.42 -16.17 -10.62
C TYR B 133 -19.13 -17.11 -11.60
N PRO B 134 -19.19 -16.71 -12.88
CA PRO B 134 -19.89 -17.47 -13.89
C PRO B 134 -19.23 -18.78 -14.29
N GLU B 135 -20.01 -19.84 -14.27
CA GLU B 135 -19.51 -21.10 -14.67
C GLU B 135 -19.04 -21.16 -16.08
N ARG B 136 -19.59 -20.34 -16.98
CA ARG B 136 -19.06 -20.27 -18.32
C ARG B 136 -17.59 -19.89 -18.39
N HIS B 137 -17.08 -19.13 -17.40
CA HIS B 137 -15.62 -18.86 -17.43
C HIS B 137 -14.80 -20.14 -17.20
N TRP B 138 -15.24 -20.96 -16.26
CA TRP B 138 -14.61 -22.28 -15.98
C TRP B 138 -14.75 -23.19 -17.22
N GLN B 139 -15.93 -23.15 -17.89
CA GLN B 139 -16.18 -24.09 -19.00
CA GLN B 139 -16.17 -24.09 -18.98
C GLN B 139 -15.48 -23.68 -20.28
N GLN B 140 -15.66 -22.40 -20.67
CA GLN B 140 -15.25 -21.94 -22.04
C GLN B 140 -13.96 -21.16 -21.99
N GLY B 141 -13.58 -20.79 -20.76
CA GLY B 141 -12.33 -20.00 -20.64
C GLY B 141 -12.58 -18.51 -20.84
N VAL B 142 -11.50 -17.70 -20.77
CA VAL B 142 -11.67 -16.24 -20.69
C VAL B 142 -10.64 -15.48 -21.49
N ARG B 143 -10.96 -14.20 -21.74
CA ARG B 143 -10.01 -13.31 -22.42
C ARG B 143 -9.45 -12.39 -21.32
N LEU B 144 -8.16 -12.28 -21.30
CA LEU B 144 -7.47 -11.33 -20.36
C LEU B 144 -7.33 -9.92 -20.99
N PHE B 145 -7.49 -8.89 -20.16
CA PHE B 145 -7.13 -7.54 -20.49
C PHE B 145 -5.62 -7.30 -20.27
N ALA B 146 -4.94 -6.67 -21.23
CA ALA B 146 -3.49 -6.48 -21.03
C ALA B 146 -3.34 -5.17 -20.16
N CYS B 147 -3.33 -5.35 -18.85
CA CYS B 147 -3.19 -4.18 -17.98
C CYS B 147 -1.83 -3.50 -18.22
N ARG B 148 -1.83 -2.18 -18.14
CA ARG B 148 -0.63 -1.39 -18.24
C ARG B 148 -0.04 -1.11 -16.84
N THR B 149 -0.88 -1.15 -15.79
CA THR B 149 -0.36 -0.99 -14.41
C THR B 149 0.62 -2.13 -14.11
N ARG B 150 1.84 -1.78 -13.71
CA ARG B 150 2.86 -2.80 -13.45
C ARG B 150 2.95 -3.12 -11.95
N LEU B 151 3.36 -4.34 -11.59
CA LEU B 151 3.69 -4.63 -10.18
C LEU B 151 5.09 -4.17 -9.81
N ALA B 152 5.22 -3.28 -8.83
CA ALA B 152 6.56 -2.86 -8.40
C ALA B 152 7.29 -4.04 -7.74
N GLU B 153 8.62 -3.99 -7.79
CA GLU B 153 9.41 -5.12 -7.23
C GLU B 153 9.80 -4.78 -5.79
N GLN B 154 9.19 -5.43 -4.80
CA GLN B 154 9.46 -5.19 -3.41
C GLN B 154 9.54 -6.53 -2.64
N PRO B 155 10.75 -7.09 -2.53
CA PRO B 155 10.90 -8.45 -1.93
C PRO B 155 10.39 -8.59 -0.50
N LEU B 156 10.40 -7.49 0.27
CA LEU B 156 9.89 -7.60 1.63
C LEU B 156 8.40 -7.88 1.71
N LEU B 157 7.59 -7.48 0.69
CA LEU B 157 6.16 -7.69 0.76
C LEU B 157 5.76 -8.81 -0.19
N ALA B 158 6.70 -9.25 -1.05
CA ALA B 158 6.33 -10.23 -2.12
C ALA B 158 5.67 -11.51 -1.59
N GLY B 159 4.54 -11.90 -2.20
CA GLY B 159 3.86 -13.17 -1.82
C GLY B 159 2.79 -12.96 -0.78
N LEU B 160 2.89 -11.90 0.06
CA LEU B 160 1.94 -11.73 1.19
C LEU B 160 0.65 -11.07 0.72
N LYS B 161 -0.52 -11.55 1.40
CA LYS B 161 -1.85 -10.99 1.06
C LYS B 161 -2.07 -9.89 2.11
N HIS B 162 -1.16 -8.79 1.84
CA HIS B 162 -1.25 -7.58 2.68
C HIS B 162 -2.27 -6.57 2.15
N LEU B 163 -2.54 -5.53 2.96
CA LEU B 163 -3.54 -4.53 2.63
C LEU B 163 -3.10 -3.39 1.69
N ASN B 164 -1.83 -3.36 1.31
CA ASN B 164 -1.43 -2.33 0.39
C ASN B 164 -1.79 -2.77 -1.05
N ARG B 165 -3.05 -2.55 -1.48
CA ARG B 165 -3.50 -3.12 -2.77
C ARG B 165 -3.88 -2.05 -3.77
N LEU B 166 -3.29 -0.85 -3.66
CA LEU B 166 -3.62 0.18 -4.71
C LEU B 166 -3.21 -0.26 -6.14
N GLU B 167 -2.13 -1.04 -6.29
CA GLU B 167 -1.79 -1.52 -7.65
C GLU B 167 -2.92 -2.35 -8.26
N GLN B 168 -3.60 -3.18 -7.43
CA GLN B 168 -4.73 -4.01 -7.93
C GLN B 168 -5.92 -3.10 -8.21
N VAL B 169 -6.13 -2.09 -7.33
CA VAL B 169 -7.22 -1.14 -7.60
C VAL B 169 -7.02 -0.39 -8.93
N LEU B 170 -5.83 0.11 -9.16
CA LEU B 170 -5.50 0.80 -10.44
C LEU B 170 -5.60 -0.12 -11.65
N ALA B 171 -5.11 -1.37 -11.52
CA ALA B 171 -5.18 -2.30 -12.67
C ALA B 171 -6.67 -2.62 -12.97
N ARG B 172 -7.46 -2.86 -11.91
CA ARG B 172 -8.86 -3.26 -12.09
C ARG B 172 -9.64 -2.15 -12.86
N ALA B 173 -9.26 -0.93 -12.56
CA ALA B 173 -9.94 0.26 -13.15
C ALA B 173 -9.67 0.43 -14.63
N GLU B 174 -8.71 -0.31 -15.18
CA GLU B 174 -8.34 -0.14 -16.64
C GLU B 174 -9.41 -0.70 -17.57
N TRP B 175 -10.30 -1.58 -17.08
CA TRP B 175 -11.41 -2.05 -17.94
C TRP B 175 -12.67 -2.25 -17.11
N SER B 176 -13.85 -2.06 -17.75
CA SER B 176 -15.06 -2.29 -17.02
C SER B 176 -16.06 -3.14 -17.84
N ASP B 177 -15.59 -3.78 -18.89
CA ASP B 177 -16.53 -4.47 -19.78
C ASP B 177 -16.60 -5.97 -19.44
N ALA B 178 -17.60 -6.63 -20.01
CA ALA B 178 -17.82 -8.06 -19.72
C ALA B 178 -17.05 -9.03 -20.59
N GLY B 179 -16.40 -8.52 -21.63
CA GLY B 179 -15.63 -9.33 -22.55
C GLY B 179 -14.30 -9.79 -21.96
N HIS B 180 -13.85 -9.11 -20.86
CA HIS B 180 -12.59 -9.48 -20.19
C HIS B 180 -12.88 -9.88 -18.75
N ALA B 181 -12.60 -11.12 -18.38
CA ALA B 181 -12.96 -11.61 -17.04
C ALA B 181 -11.85 -11.34 -15.98
N GLU B 182 -10.68 -11.01 -16.47
CA GLU B 182 -9.50 -10.80 -15.62
C GLU B 182 -8.46 -9.99 -16.38
N GLY B 183 -7.41 -9.56 -15.70
CA GLY B 183 -6.37 -8.77 -16.43
C GLY B 183 -5.00 -9.33 -16.12
N LEU B 184 -4.03 -9.21 -17.04
CA LEU B 184 -2.72 -9.73 -16.87
C LEU B 184 -1.82 -8.66 -16.27
N MET B 185 -1.25 -8.98 -15.10
CA MET B 185 -0.30 -8.11 -14.38
CA MET B 185 -0.29 -8.11 -14.41
CA MET B 185 -0.29 -8.08 -14.44
C MET B 185 1.14 -8.56 -14.66
N LEU B 186 1.94 -7.64 -15.20
CA LEU B 186 3.38 -7.87 -15.37
C LEU B 186 4.13 -7.09 -14.34
N ASP B 187 5.37 -7.47 -14.07
CA ASP B 187 6.18 -6.58 -13.17
C ASP B 187 6.80 -5.45 -13.98
N VAL B 188 7.67 -4.66 -13.35
CA VAL B 188 8.16 -3.46 -14.06
CA VAL B 188 8.23 -3.46 -14.01
C VAL B 188 9.24 -3.84 -15.07
N HIS B 189 9.74 -5.07 -15.04
CA HIS B 189 10.55 -5.59 -16.16
C HIS B 189 9.72 -6.36 -17.20
N GLU B 190 8.39 -6.20 -17.15
CA GLU B 190 7.42 -6.89 -18.04
C GLU B 190 7.48 -8.38 -17.94
N ARG B 191 8.00 -8.87 -16.85
CA ARG B 191 7.78 -10.32 -16.62
C ARG B 191 6.33 -10.70 -16.25
N VAL B 192 5.88 -11.88 -16.70
CA VAL B 192 4.47 -12.32 -16.48
C VAL B 192 4.36 -12.75 -15.05
N VAL B 193 3.43 -12.16 -14.30
CA VAL B 193 3.40 -12.48 -12.86
C VAL B 193 2.06 -13.14 -12.44
N GLU B 194 0.97 -12.45 -12.64
CA GLU B 194 -0.33 -12.94 -12.15
CA GLU B 194 -0.33 -12.92 -12.11
C GLU B 194 -1.49 -12.15 -12.72
N GLY B 195 -2.70 -12.46 -12.26
CA GLY B 195 -3.94 -11.75 -12.64
C GLY B 195 -4.10 -10.60 -11.66
N VAL B 196 -5.20 -9.84 -11.80
CA VAL B 196 -5.52 -8.79 -10.86
C VAL B 196 -6.04 -9.40 -9.53
N PHE B 197 -6.75 -10.53 -9.61
CA PHE B 197 -7.24 -11.12 -8.38
C PHE B 197 -7.10 -12.65 -8.40
N SER B 198 -6.14 -13.14 -9.14
CA SER B 198 -5.95 -14.60 -9.25
C SER B 198 -4.48 -14.80 -9.69
N ASN B 199 -4.00 -16.04 -9.56
CA ASN B 199 -2.66 -16.35 -10.05
C ASN B 199 -2.79 -16.86 -11.50
N LEU B 200 -1.69 -16.79 -12.22
CA LEU B 200 -1.58 -17.32 -13.56
C LEU B 200 -0.56 -18.46 -13.56
N LEU B 201 -0.92 -19.57 -14.20
CA LEU B 201 0.03 -20.67 -14.40
CA LEU B 201 -0.05 -20.76 -14.38
C LEU B 201 -0.04 -21.09 -15.87
N LEU B 202 1.06 -21.69 -16.36
CA LEU B 202 1.11 -22.11 -17.76
C LEU B 202 1.87 -23.38 -17.94
N VAL B 203 1.62 -24.05 -19.07
CA VAL B 203 2.28 -25.30 -19.40
C VAL B 203 3.20 -25.05 -20.59
N LEU B 204 4.47 -25.38 -20.44
CA LEU B 204 5.47 -25.08 -21.47
C LEU B 204 6.04 -26.28 -22.22
N ASP B 205 6.06 -27.47 -21.61
CA ASP B 205 6.51 -28.68 -22.37
C ASP B 205 5.92 -29.86 -21.67
N GLY B 206 4.62 -29.90 -21.57
CA GLY B 206 4.06 -30.72 -20.51
C GLY B 206 4.62 -30.35 -19.11
N THR B 207 5.51 -29.34 -19.00
CA THR B 207 5.92 -28.76 -17.67
C THR B 207 4.96 -27.63 -17.19
N LEU B 208 4.42 -27.82 -16.01
CA LEU B 208 3.58 -26.80 -15.38
C LEU B 208 4.52 -25.76 -14.75
N VAL B 209 4.33 -24.53 -15.18
CA VAL B 209 5.24 -23.47 -14.80
C VAL B 209 4.43 -22.38 -14.01
N ALA B 210 4.93 -22.03 -12.83
CA ALA B 210 4.31 -20.93 -12.07
C ALA B 210 5.34 -19.80 -12.05
N PRO B 211 4.93 -18.57 -12.45
CA PRO B 211 5.85 -17.43 -12.22
C PRO B 211 6.37 -17.28 -10.79
N ASP B 212 7.69 -17.08 -10.65
CA ASP B 212 8.32 -16.85 -9.35
C ASP B 212 7.75 -15.60 -8.68
N LEU B 213 7.35 -15.74 -7.43
CA LEU B 213 6.68 -14.58 -6.77
C LEU B 213 7.57 -13.97 -5.72
N ARG B 214 8.89 -14.05 -5.91
CA ARG B 214 9.77 -13.50 -4.84
C ARG B 214 10.06 -11.99 -4.96
N ARG B 215 9.62 -11.38 -6.05
CA ARG B 215 9.77 -9.91 -6.12
C ARG B 215 8.41 -9.20 -5.93
N CYS B 216 7.31 -9.85 -6.33
CA CYS B 216 5.97 -9.22 -6.19
C CYS B 216 4.95 -10.33 -6.47
N GLY B 217 3.68 -9.99 -6.30
CA GLY B 217 2.57 -10.92 -6.45
C GLY B 217 2.08 -11.47 -5.11
N VAL B 218 1.01 -12.24 -5.20
CA VAL B 218 0.39 -12.86 -4.02
C VAL B 218 0.52 -14.40 -4.22
N ALA B 219 1.16 -15.10 -3.28
CA ALA B 219 1.24 -16.57 -3.35
C ALA B 219 -0.13 -17.17 -3.05
N GLY B 220 -0.86 -17.52 -4.10
CA GLY B 220 -2.27 -17.93 -3.90
C GLY B 220 -2.39 -19.28 -3.15
N VAL B 221 -3.49 -19.41 -2.44
CA VAL B 221 -3.84 -20.68 -1.81
C VAL B 221 -4.17 -21.69 -2.89
N MET B 222 -4.93 -21.28 -3.90
CA MET B 222 -5.18 -22.28 -4.99
C MET B 222 -3.93 -22.62 -5.79
N ARG B 223 -3.08 -21.64 -6.09
CA ARG B 223 -1.81 -21.91 -6.69
C ARG B 223 -1.04 -23.00 -5.87
N ALA B 224 -0.97 -22.85 -4.54
CA ALA B 224 -0.23 -23.80 -3.71
C ALA B 224 -0.89 -25.20 -3.83
N GLU B 225 -2.22 -25.20 -3.77
CA GLU B 225 -3.01 -26.45 -3.89
C GLU B 225 -2.78 -27.17 -5.26
N LEU B 226 -2.84 -26.45 -6.37
CA LEU B 226 -2.69 -27.01 -7.71
C LEU B 226 -1.25 -27.49 -7.96
N LEU B 227 -0.25 -26.74 -7.48
CA LEU B 227 1.13 -27.22 -7.64
C LEU B 227 1.34 -28.60 -6.96
N GLU B 228 0.83 -28.73 -5.75
CA GLU B 228 0.90 -30.00 -5.03
C GLU B 228 0.10 -31.09 -5.73
N ARG B 229 -1.14 -30.77 -6.14
CA ARG B 229 -1.90 -31.78 -6.94
C ARG B 229 -1.27 -32.19 -8.24
N ALA B 230 -0.62 -31.26 -8.97
CA ALA B 230 0.03 -31.60 -10.23
C ALA B 230 1.24 -32.49 -9.98
N GLU B 231 1.99 -32.22 -8.91
CA GLU B 231 3.14 -33.04 -8.61
C GLU B 231 2.64 -34.45 -8.21
N GLY B 232 1.55 -34.50 -7.48
CA GLY B 232 0.84 -35.75 -7.15
C GLY B 232 0.56 -36.68 -8.31
N ILE B 233 0.34 -36.12 -9.50
CA ILE B 233 -0.03 -36.87 -10.68
CA ILE B 233 0.01 -36.95 -10.66
C ILE B 233 1.13 -37.01 -11.66
N GLY B 234 2.35 -36.63 -11.23
CA GLY B 234 3.52 -36.75 -12.10
C GLY B 234 3.81 -35.66 -13.12
N VAL B 235 3.26 -34.45 -12.91
CA VAL B 235 3.48 -33.38 -13.86
C VAL B 235 4.77 -32.69 -13.40
N PRO B 236 5.76 -32.52 -14.29
CA PRO B 236 7.02 -31.79 -14.03
C PRO B 236 6.66 -30.31 -13.75
N LEU B 237 7.18 -29.79 -12.65
CA LEU B 237 6.93 -28.39 -12.22
C LEU B 237 8.16 -27.56 -12.29
N ALA B 238 7.95 -26.24 -12.49
CA ALA B 238 9.03 -25.31 -12.28
C ALA B 238 8.41 -24.00 -11.80
N ILE B 239 9.06 -23.38 -10.82
CA ILE B 239 8.76 -22.02 -10.40
C ILE B 239 9.92 -21.16 -10.90
N ARG B 240 9.63 -20.20 -11.77
CA ARG B 240 10.69 -19.40 -12.42
C ARG B 240 10.18 -18.15 -13.07
N ASP B 241 11.10 -17.30 -13.53
CA ASP B 241 10.62 -16.11 -14.28
C ASP B 241 10.04 -16.51 -15.61
N VAL B 242 8.97 -15.87 -16.03
CA VAL B 242 8.32 -16.23 -17.31
C VAL B 242 8.21 -14.98 -18.14
N SER B 243 8.69 -14.99 -19.38
CA SER B 243 8.45 -13.84 -20.26
C SER B 243 7.16 -13.87 -21.09
N MET B 244 6.81 -12.68 -21.57
CA MET B 244 5.72 -12.46 -22.46
C MET B 244 5.89 -13.36 -23.74
N ALA B 245 7.11 -13.46 -24.23
CA ALA B 245 7.36 -14.28 -25.47
C ALA B 245 7.06 -15.74 -25.12
N GLU B 246 7.45 -16.19 -23.92
CA GLU B 246 7.14 -17.57 -23.51
C GLU B 246 5.67 -17.78 -23.32
N LEU B 247 4.97 -16.82 -22.71
CA LEU B 247 3.57 -16.96 -22.54
C LEU B 247 2.87 -17.13 -23.90
N ALA B 248 3.28 -16.35 -24.91
CA ALA B 248 2.60 -16.35 -26.22
C ALA B 248 2.72 -17.75 -26.85
N THR B 249 3.79 -18.46 -26.54
CA THR B 249 4.04 -19.82 -27.12
C THR B 249 3.67 -20.98 -26.19
N ALA B 250 2.92 -20.68 -25.11
CA ALA B 250 2.59 -21.73 -24.13
C ALA B 250 1.56 -22.72 -24.72
N ASP B 251 1.69 -23.98 -24.31
CA ASP B 251 0.74 -25.04 -24.67
C ASP B 251 -0.66 -24.69 -24.18
N GLU B 252 -0.78 -24.28 -22.90
CA GLU B 252 -2.03 -23.84 -22.36
C GLU B 252 -1.71 -22.81 -21.22
N VAL B 253 -2.76 -22.08 -20.84
CA VAL B 253 -2.63 -21.01 -19.82
C VAL B 253 -3.88 -21.07 -18.98
N PHE B 254 -3.79 -20.86 -17.65
CA PHE B 254 -5.02 -20.71 -16.90
C PHE B 254 -4.81 -19.78 -15.66
N LEU B 255 -5.92 -19.33 -15.09
CA LEU B 255 -5.89 -18.49 -13.90
C LEU B 255 -6.49 -19.33 -12.80
N CYS B 256 -6.08 -19.09 -11.57
CA CYS B 256 -6.70 -19.80 -10.40
C CYS B 256 -6.80 -18.92 -9.20
N ASN B 257 -7.81 -19.19 -8.36
CA ASN B 257 -7.91 -18.60 -7.03
C ASN B 257 -8.85 -19.44 -6.23
N SER B 258 -8.94 -19.15 -4.94
CA SER B 258 -9.65 -20.05 -4.02
C SER B 258 -11.17 -19.86 -4.09
N GLN B 259 -11.65 -18.86 -4.85
CA GLN B 259 -13.08 -18.63 -4.93
C GLN B 259 -13.63 -19.29 -6.21
N PHE B 260 -13.00 -19.04 -7.37
CA PHE B 260 -13.55 -19.65 -8.66
C PHE B 260 -12.88 -20.93 -9.06
N GLY B 261 -11.72 -21.22 -8.48
CA GLY B 261 -10.97 -22.39 -8.89
C GLY B 261 -10.04 -22.18 -10.07
N ILE B 262 -10.46 -22.61 -11.25
CA ILE B 262 -9.62 -22.49 -12.47
C ILE B 262 -10.46 -21.89 -13.62
N TRP B 263 -9.89 -20.87 -14.26
CA TRP B 263 -10.42 -20.35 -15.55
C TRP B 263 -9.37 -20.56 -16.59
N PRO B 264 -9.65 -21.40 -17.56
CA PRO B 264 -8.69 -21.44 -18.71
C PRO B 264 -8.58 -20.08 -19.40
N VAL B 265 -7.38 -19.73 -19.83
CA VAL B 265 -7.20 -18.49 -20.55
C VAL B 265 -7.19 -18.82 -22.04
N ARG B 266 -8.10 -18.19 -22.77
CA ARG B 266 -8.20 -18.38 -24.25
C ARG B 266 -7.56 -17.30 -25.12
N ALA B 267 -7.39 -16.09 -24.59
CA ALA B 267 -6.99 -14.95 -25.44
C ALA B 267 -6.33 -13.86 -24.62
N LEU B 268 -5.44 -13.10 -25.26
CA LEU B 268 -4.79 -11.89 -24.67
C LEU B 268 -4.34 -11.11 -25.91
N ASP B 269 -5.02 -10.00 -26.12
CA ASP B 269 -4.73 -9.16 -27.33
C ASP B 269 -4.90 -10.13 -28.54
N GLU B 270 -3.85 -10.26 -29.37
CA GLU B 270 -3.89 -11.08 -30.59
CA GLU B 270 -3.96 -11.10 -30.58
C GLU B 270 -3.60 -12.56 -30.31
N HIS B 271 -3.08 -12.86 -29.11
CA HIS B 271 -2.78 -14.24 -28.75
C HIS B 271 -4.02 -15.05 -28.49
N VAL B 272 -4.02 -16.29 -28.96
CA VAL B 272 -5.06 -17.25 -28.58
C VAL B 272 -4.42 -18.57 -28.13
N TRP B 273 -5.15 -19.28 -27.29
CA TRP B 273 -4.76 -20.61 -26.83
C TRP B 273 -6.01 -21.43 -26.75
N PRO B 274 -5.88 -22.73 -27.07
CA PRO B 274 -6.99 -23.62 -26.82
C PRO B 274 -7.03 -23.94 -25.32
N VAL B 275 -8.19 -24.41 -24.85
CA VAL B 275 -8.27 -25.00 -23.49
C VAL B 275 -7.42 -26.28 -23.43
N GLY B 276 -6.58 -26.42 -22.42
CA GLY B 276 -5.63 -27.49 -22.45
C GLY B 276 -6.09 -28.71 -21.69
N GLU B 277 -5.45 -29.81 -22.01
CA GLU B 277 -5.63 -31.08 -21.26
C GLU B 277 -5.29 -31.05 -19.78
N LEU B 278 -4.15 -30.47 -19.42
CA LEU B 278 -3.80 -30.42 -17.98
C LEU B 278 -4.82 -29.54 -17.24
N THR B 279 -5.18 -28.40 -17.85
CA THR B 279 -6.19 -27.48 -17.27
C THR B 279 -7.51 -28.21 -16.95
N ARG B 280 -8.01 -28.99 -17.93
CA ARG B 280 -9.18 -29.84 -17.74
C ARG B 280 -8.99 -30.91 -16.67
N LYS B 281 -7.86 -31.63 -16.69
CA LYS B 281 -7.60 -32.63 -15.65
C LYS B 281 -7.65 -32.03 -14.23
N LEU B 282 -6.99 -30.88 -14.05
CA LEU B 282 -7.02 -30.22 -12.73
C LEU B 282 -8.40 -29.70 -12.36
N GLN B 283 -9.17 -29.16 -13.33
CA GLN B 283 -10.56 -28.77 -13.04
C GLN B 283 -11.37 -29.98 -12.47
N ASP B 284 -11.22 -31.11 -13.18
CA ASP B 284 -11.95 -32.35 -12.81
C ASP B 284 -11.57 -32.78 -11.39
N GLN B 285 -10.27 -32.75 -11.07
CA GLN B 285 -9.81 -32.98 -9.65
C GLN B 285 -10.43 -32.01 -8.62
N LEU B 286 -10.37 -30.68 -8.90
CA LEU B 286 -10.93 -29.67 -8.01
C LEU B 286 -12.45 -29.87 -7.84
N ARG B 287 -13.13 -30.14 -8.95
CA ARG B 287 -14.60 -30.28 -8.92
C ARG B 287 -15.02 -31.54 -8.08
N ASP B 288 -14.44 -32.66 -8.43
CA ASP B 288 -14.76 -33.90 -7.71
CA ASP B 288 -14.66 -33.96 -7.77
C ASP B 288 -14.25 -33.91 -6.28
N ASP B 289 -13.07 -33.36 -6.01
CA ASP B 289 -12.54 -33.45 -4.64
C ASP B 289 -13.05 -32.37 -3.75
N LEU B 290 -13.16 -31.13 -4.25
CA LEU B 290 -13.47 -30.07 -3.32
C LEU B 290 -14.79 -29.27 -3.60
N ASP B 291 -15.53 -29.68 -4.60
CA ASP B 291 -16.83 -29.05 -4.97
C ASP B 291 -16.66 -27.60 -5.54
N PHE B 292 -15.54 -27.33 -6.24
CA PHE B 292 -15.45 -26.18 -7.20
C PHE B 292 -16.27 -26.44 -8.47
N1 PLP C . 8.03 11.12 3.04
C2 PLP C . 6.97 10.38 3.50
C2A PLP C . 7.15 8.89 3.36
C3 PLP C . 5.81 10.97 4.02
O3 PLP C . 4.84 10.28 4.45
C4 PLP C . 5.78 12.40 4.03
C4A PLP C . 4.52 13.09 4.53
C5 PLP C . 6.93 13.14 3.58
C6 PLP C . 8.04 12.47 3.08
C5A PLP C . 7.06 14.64 3.55
O4P PLP C . 5.97 15.37 4.10
P PLP C . 5.39 16.88 4.25
O1P PLP C . 4.92 16.81 5.66
O2P PLP C . 6.44 17.90 4.08
O3P PLP C . 4.37 16.81 3.22
O1 PG4 D . 2.52 14.56 -6.94
C1 PG4 D . 2.67 15.96 -6.83
C2 PG4 D . 2.00 16.45 -5.59
O2 PG4 D . 1.21 17.45 -6.19
C3 PG4 D . 1.60 18.80 -5.88
C4 PG4 D . 0.73 19.68 -6.77
O3 PG4 D . 0.86 19.24 -8.09
C5 PG4 D . 0.06 20.06 -8.97
C6 PG4 D . -0.31 19.24 -10.22
O4 PG4 D . 0.72 19.18 -11.22
C7 PG4 D . 1.54 20.36 -11.24
C8 PG4 D . 2.52 20.28 -12.40
O5 PG4 D . 3.32 21.47 -12.37
O1 PG4 E . 13.80 -10.58 2.63
C1 PG4 E . 14.79 -10.00 3.50
C2 PG4 E . 14.50 -10.29 4.99
O2 PG4 E . 14.25 -9.09 5.75
C3 PG4 E . 15.36 -8.59 6.53
C4 PG4 E . 16.09 -7.51 5.73
O3 PG4 E . 15.78 -6.13 6.05
C5 PG4 E . 14.44 -5.94 6.40
C6 PG4 E . 14.15 -4.46 6.40
O4 PG4 E . 13.02 -4.28 7.26
C7 PG4 E . 13.49 -4.65 8.56
C8 PG4 E . 12.34 -4.43 9.51
O5 PG4 E . 12.92 -4.88 10.75
O1 PG4 F . 12.48 25.58 -15.06
C1 PG4 F . 13.76 24.99 -15.36
C2 PG4 F . 14.54 24.82 -14.06
O2 PG4 F . 13.79 24.06 -13.10
C3 PG4 F . 14.59 23.81 -11.94
C4 PG4 F . 13.79 22.82 -11.14
O3 PG4 F . 12.62 23.50 -10.75
C5 PG4 F . 11.64 22.68 -10.13
C6 PG4 F . 10.27 23.18 -10.59
O4 PG4 F . 9.90 24.36 -9.84
C7 PG4 F . 10.36 24.33 -8.49
C8 PG4 F . 10.13 25.70 -7.86
O5 PG4 F . 9.11 26.44 -8.57
CL CL G . -21.47 14.42 3.64
CL CL H . 26.70 10.59 16.72
S SO4 I . 9.14 15.66 -8.57
O1 SO4 I . 8.53 16.56 -7.54
O2 SO4 I . 8.22 14.50 -8.60
O3 SO4 I . 9.10 16.37 -9.88
O4 SO4 I . 10.47 15.20 -8.23
C1 EDO J . 5.96 35.23 2.38
O1 EDO J . 5.31 33.96 2.37
C2 EDO J . 7.17 35.02 3.20
O2 EDO J . 6.67 34.12 4.21
C1 EDO K . 24.81 30.21 -7.61
O1 EDO K . 26.07 29.59 -7.43
C2 EDO K . 24.72 31.03 -6.33
O2 EDO K . 23.36 31.16 -5.93
C1 PEG L . 8.82 19.46 -8.46
O1 PEG L . 8.91 19.24 -9.89
C2 PEG L . 8.32 20.87 -8.33
O2 PEG L . 8.46 21.46 -7.02
C3 PEG L . 7.18 21.83 -6.53
C4 PEG L . 6.94 23.33 -6.55
O4 PEG L . 7.65 24.01 -5.52
C1 GOL M . -15.19 -7.67 -8.53
O1 GOL M . -16.17 -6.82 -9.11
C2 GOL M . -13.94 -6.85 -8.40
O2 GOL M . -14.26 -5.57 -8.84
C3 GOL M . -12.72 -7.48 -9.08
O3 GOL M . -11.69 -7.76 -8.11
CL CL N . 17.62 -2.73 -14.31
N1 PLP O . -3.67 -12.24 -6.55
C2 PLP O . -4.15 -11.26 -5.74
C2A PLP O . -3.75 -9.85 -6.17
C3 PLP O . -4.94 -11.55 -4.64
O3 PLP O . -5.44 -10.64 -3.88
C4 PLP O . -5.16 -12.94 -4.42
C4A PLP O . -5.98 -13.36 -3.22
C5 PLP O . -4.63 -13.93 -5.29
C6 PLP O . -3.88 -13.55 -6.36
C5A PLP O . -4.80 -15.44 -5.20
O4P PLP O . -5.68 -15.89 -4.20
P PLP O . -6.14 -17.30 -3.61
O1P PLP O . -7.59 -17.04 -3.51
O2P PLP O . -5.73 -18.45 -4.46
O3P PLP O . -5.40 -17.19 -2.34
O1 PG4 P . 5.22 -16.37 -0.75
C1 PG4 P . 5.40 -15.89 0.59
C2 PG4 P . 4.10 -16.14 1.33
O2 PG4 P . 3.93 -17.53 1.34
C3 PG4 P . 2.69 -17.90 1.91
C4 PG4 P . 2.75 -19.25 2.58
O3 PG4 P . 3.83 -19.51 3.42
C5 PG4 P . 3.87 -20.90 3.75
C6 PG4 P . 4.86 -21.09 4.90
O4 PG4 P . 6.12 -20.46 4.56
C7 PG4 P . 7.10 -20.53 5.60
C8 PG4 P . 8.42 -19.82 5.24
O5 PG4 P . 8.84 -20.22 3.94
O1 PG4 Q . -1.87 3.52 -17.26
C1 PG4 Q . -2.52 3.83 -16.05
C2 PG4 Q . -3.00 2.47 -15.55
O2 PG4 Q . -4.03 2.70 -14.58
C3 PG4 Q . -5.21 3.15 -15.24
C4 PG4 Q . -6.38 3.19 -14.28
O3 PG4 Q . -7.31 4.17 -14.79
C5 PG4 Q . -6.82 5.54 -14.73
C6 PG4 Q . -7.33 6.53 -13.63
O4 PG4 Q . -7.17 6.10 -12.26
C7 PG4 Q . -8.13 5.09 -11.90
C8 PG4 Q . -8.41 4.78 -10.43
O5 PG4 Q . -9.81 4.41 -10.22
C1 PEG R . -11.58 -16.33 -26.57
O1 PEG R . -11.24 -15.92 -27.90
C2 PEG R . -12.77 -15.62 -25.96
O2 PEG R . -13.14 -16.46 -24.86
C3 PEG R . -14.42 -16.27 -24.34
C4 PEG R . -15.05 -17.64 -24.10
O4 PEG R . -16.44 -17.54 -24.45
S SO4 S . 7.19 -18.46 -4.54
O1 SO4 S . 7.42 -17.25 -3.71
O2 SO4 S . 7.29 -18.15 -5.95
O3 SO4 S . 8.30 -19.48 -4.36
O4 SO4 S . 5.96 -19.13 -4.00
C1 EDO T . 4.99 -13.73 14.74
O1 EDO T . 5.16 -15.11 14.48
C2 EDO T . 3.62 -13.31 14.27
O2 EDO T . 2.63 -13.96 15.07
C1 PEG U . 9.07 -25.96 1.78
O1 PEG U . 8.04 -26.41 2.69
C2 PEG U . 9.97 -24.98 2.54
O2 PEG U . 10.95 -24.31 1.75
C3 PEG U . 10.57 -23.07 1.11
C4 PEG U . 10.29 -21.96 2.10
O4 PEG U . 9.37 -22.49 3.08
C1 GOL V . 7.39 7.26 12.77
O1 GOL V . 7.11 8.16 11.73
C2 GOL V . 7.63 8.06 14.02
O2 GOL V . 8.97 8.44 13.97
C3 GOL V . 7.50 7.19 15.22
O3 GOL V . 6.14 6.96 15.20
#